data_1HVX
#
_entry.id   1HVX
#
_cell.length_a   53.550
_cell.length_b   93.119
_cell.length_c   53.275
_cell.angle_alpha   90.00
_cell.angle_beta   109.31
_cell.angle_gamma   90.00
#
_symmetry.space_group_name_H-M   'P 1 21 1'
#
loop_
_entity.id
_entity.type
_entity.pdbx_description
1 polymer ALPHA-AMYLASE
2 non-polymer 'CALCIUM ION'
3 non-polymer 'SODIUM ION'
4 water water
#
_entity_poly.entity_id   1
_entity_poly.type   'polypeptide(L)'
_entity_poly.pdbx_seq_one_letter_code
;AAPFNGTMMQYFEWYLPDDGTLWTKVANEANNLSSLGITALWLPPAYKGTSRSDVGYGVYDLYDLGEFNQKGAVRTKYGT
KAQYLQAIQAAHAAGMQVYADVVFDHKGGADGTEWVDAVEVNPSDRNQEISGTYQIQAWTKFDFPGRGNTYSSFKWRWYH
FDGVDWDESRKLSRIYKFRGIGKAWDWEVDTENGNYDYLMYADLDMDHPEVVTELKSWGKWYVNTTNIDGFRLDAVKHIK
FSFFPDWLSYVRSQTGKPLFTVGEYWSYDINKLHNYIMKTNGTMSLFDAPLHNKFYTASKSGGTFDMRTLMTNTLMKDQP
TLAVTFVDNHDTEPGQALQSWVDPWFKPLAYAFILTRQEGYPCVFYGDYYGIPQYNIPSLKSKIDPLLIARRDYAYGTQH
DYLDHSDIIGWTREGVTEKPGSGLAALITDGPGGSKWMYVGKQHAGKVFYDLTGNRSDTVTINSDGWGEFKVNGGSVSVW
VPRKTTVSTIAWSITTRPWTDEFVRWTEPRLVAWP
;
_entity_poly.pdbx_strand_id   A
#
loop_
_chem_comp.id
_chem_comp.type
_chem_comp.name
_chem_comp.formula
CA non-polymer 'CALCIUM ION' 'Ca 2'
NA non-polymer 'SODIUM ION' 'Na 1'
#
# COMPACT_ATOMS: atom_id res chain seq x y z
N ALA A 1 -27.34 10.65 -4.50
CA ALA A 1 -26.97 10.44 -5.94
C ALA A 1 -26.75 8.96 -6.18
N ALA A 2 -26.20 8.63 -7.37
CA ALA A 2 -25.89 7.24 -7.75
C ALA A 2 -24.45 6.97 -7.32
N PRO A 3 -24.27 6.15 -6.28
CA PRO A 3 -22.98 5.79 -5.70
C PRO A 3 -22.14 4.80 -6.48
N PHE A 4 -20.83 4.88 -6.27
CA PHE A 4 -19.85 3.99 -6.88
C PHE A 4 -18.81 3.71 -5.83
N ASN A 5 -18.56 2.44 -5.58
CA ASN A 5 -17.56 2.05 -4.59
C ASN A 5 -16.16 2.48 -5.01
N GLY A 6 -15.29 2.67 -4.03
CA GLY A 6 -13.93 3.05 -4.32
C GLY A 6 -13.06 1.80 -4.35
N THR A 7 -12.20 1.70 -5.35
CA THR A 7 -11.30 0.55 -5.46
C THR A 7 -9.95 1.03 -5.97
N MET A 8 -8.91 0.72 -5.20
CA MET A 8 -7.53 1.10 -5.49
C MET A 8 -6.77 -0.06 -6.14
N MET A 9 -5.69 0.28 -6.84
CA MET A 9 -4.84 -0.72 -7.45
C MET A 9 -3.38 -0.31 -7.35
N GLN A 10 -2.56 -1.18 -6.76
CA GLN A 10 -1.12 -0.91 -6.67
C GLN A 10 -0.63 -1.23 -8.06
N TYR A 11 -0.20 -0.23 -8.80
CA TYR A 11 0.23 -0.46 -10.17
C TYR A 11 1.72 -0.72 -10.41
N PHE A 12 2.24 -1.75 -9.78
CA PHE A 12 3.64 -2.17 -9.95
C PHE A 12 3.94 -3.38 -9.10
N GLU A 13 5.02 -4.07 -9.43
CA GLU A 13 5.46 -5.22 -8.65
C GLU A 13 6.98 -5.12 -8.64
N TRP A 14 7.61 -5.84 -7.73
CA TRP A 14 9.06 -5.80 -7.59
C TRP A 14 9.92 -6.15 -8.80
N TYR A 15 9.63 -7.29 -9.43
CA TYR A 15 10.44 -7.77 -10.55
C TYR A 15 10.17 -7.24 -11.95
N LEU A 16 9.60 -6.05 -12.06
CA LEU A 16 9.34 -5.48 -13.38
C LEU A 16 10.70 -5.23 -14.04
N PRO A 17 10.80 -5.39 -15.36
CA PRO A 17 12.09 -5.13 -15.99
C PRO A 17 12.40 -3.64 -16.03
N ASP A 18 13.68 -3.30 -16.05
CA ASP A 18 14.10 -1.90 -16.10
C ASP A 18 14.11 -1.48 -17.57
N ASP A 19 12.94 -1.15 -18.11
CA ASP A 19 12.87 -0.75 -19.50
C ASP A 19 12.16 0.57 -19.76
N GLY A 20 11.83 1.29 -18.70
CA GLY A 20 11.17 2.58 -18.84
C GLY A 20 9.85 2.55 -19.57
N THR A 21 9.03 1.52 -19.33
CA THR A 21 7.76 1.41 -20.02
C THR A 21 6.52 1.51 -19.12
N LEU A 22 6.71 1.55 -17.80
CA LEU A 22 5.55 1.61 -16.91
C LEU A 22 4.62 2.81 -17.08
N TRP A 23 5.18 4.02 -17.16
CA TRP A 23 4.34 5.21 -17.34
C TRP A 23 3.52 5.07 -18.63
N THR A 24 4.13 4.53 -19.68
CA THR A 24 3.42 4.33 -20.95
C THR A 24 2.27 3.34 -20.77
N LYS A 25 2.52 2.26 -20.04
CA LYS A 25 1.49 1.25 -19.79
C LYS A 25 0.29 1.84 -19.04
N VAL A 26 0.56 2.70 -18.07
CA VAL A 26 -0.51 3.34 -17.30
C VAL A 26 -1.40 4.12 -18.27
N ALA A 27 -0.78 4.86 -19.17
CA ALA A 27 -1.52 5.65 -20.13
C ALA A 27 -2.34 4.76 -21.06
N ASN A 28 -1.78 3.62 -21.42
CA ASN A 28 -2.42 2.66 -22.32
C ASN A 28 -3.56 1.84 -21.69
N GLU A 29 -3.45 1.55 -20.40
CA GLU A 29 -4.46 0.75 -19.70
C GLU A 29 -5.53 1.51 -18.93
N ALA A 30 -5.34 2.81 -18.76
CA ALA A 30 -6.27 3.65 -17.99
C ALA A 30 -7.77 3.41 -18.20
N ASN A 31 -8.21 3.47 -19.45
CA ASN A 31 -9.62 3.26 -19.75
C ASN A 31 -10.13 1.87 -19.46
N ASN A 32 -9.30 0.87 -19.73
CA ASN A 32 -9.67 -0.53 -19.46
C ASN A 32 -9.92 -0.70 -17.97
N LEU A 33 -8.97 -0.24 -17.17
CA LEU A 33 -9.06 -0.35 -15.72
C LEU A 33 -10.24 0.45 -15.17
N SER A 34 -10.41 1.65 -15.70
CA SER A 34 -11.49 2.54 -15.29
C SER A 34 -12.86 1.89 -15.49
N SER A 35 -13.06 1.26 -16.65
CA SER A 35 -14.35 0.63 -16.95
C SER A 35 -14.71 -0.50 -15.97
N LEU A 36 -13.69 -1.10 -15.35
CA LEU A 36 -13.91 -2.18 -14.38
C LEU A 36 -14.24 -1.66 -12.98
N GLY A 37 -14.16 -0.35 -12.77
CA GLY A 37 -14.47 0.20 -11.46
C GLY A 37 -13.28 0.60 -10.61
N ILE A 38 -12.08 0.56 -11.17
CA ILE A 38 -10.89 0.98 -10.42
C ILE A 38 -10.99 2.50 -10.37
N THR A 39 -10.93 3.07 -9.18
CA THR A 39 -11.06 4.51 -9.04
C THR A 39 -9.77 5.25 -8.71
N ALA A 40 -8.72 4.52 -8.37
CA ALA A 40 -7.45 5.14 -8.02
C ALA A 40 -6.27 4.20 -8.21
N LEU A 41 -5.13 4.77 -8.58
CA LEU A 41 -3.92 3.98 -8.80
C LEU A 41 -2.81 4.46 -7.89
N TRP A 42 -2.12 3.51 -7.27
CA TRP A 42 -0.98 3.83 -6.41
C TRP A 42 0.22 3.55 -7.31
N LEU A 43 0.96 4.58 -7.66
CA LEU A 43 2.13 4.45 -8.51
C LEU A 43 3.41 4.35 -7.67
N PRO A 44 4.45 3.65 -8.20
CA PRO A 44 5.71 3.51 -7.46
C PRO A 44 6.45 4.87 -7.38
N PRO A 45 7.53 4.95 -6.56
CA PRO A 45 8.27 6.22 -6.45
C PRO A 45 8.70 6.70 -7.84
N ALA A 46 8.33 7.93 -8.20
CA ALA A 46 8.64 8.47 -9.53
C ALA A 46 9.95 9.24 -9.65
N TYR A 47 10.66 9.41 -8.55
CA TYR A 47 11.92 10.16 -8.54
C TYR A 47 13.16 9.27 -8.60
N LYS A 48 14.29 9.87 -8.98
CA LYS A 48 15.57 9.17 -9.13
C LYS A 48 16.10 8.47 -7.88
N GLY A 49 16.40 7.18 -8.03
CA GLY A 49 16.94 6.40 -6.93
C GLY A 49 18.44 6.29 -7.07
N THR A 50 19.06 5.33 -6.38
CA THR A 50 20.52 5.15 -6.42
C THR A 50 21.05 4.77 -7.81
N SER A 51 20.17 4.28 -8.68
CA SER A 51 20.55 3.92 -10.03
C SER A 51 19.26 3.83 -10.85
N ARG A 52 19.39 3.68 -12.16
CA ARG A 52 18.24 3.60 -13.03
C ARG A 52 17.35 2.39 -12.72
N SER A 53 17.96 1.31 -12.24
CA SER A 53 17.22 0.08 -11.92
C SER A 53 16.54 0.03 -10.57
N ASP A 54 16.79 1.03 -9.74
CA ASP A 54 16.21 1.07 -8.40
C ASP A 54 14.69 1.03 -8.47
N VAL A 55 14.08 0.16 -7.67
CA VAL A 55 12.63 0.06 -7.62
C VAL A 55 12.04 1.42 -7.17
N GLY A 56 12.84 2.20 -6.44
CA GLY A 56 12.40 3.52 -6.03
C GLY A 56 12.59 3.84 -4.56
N TYR A 57 12.79 2.84 -3.72
CA TYR A 57 12.96 3.06 -2.28
C TYR A 57 14.36 3.48 -1.85
N GLY A 58 15.30 3.44 -2.77
CA GLY A 58 16.66 3.89 -2.49
C GLY A 58 16.70 5.27 -3.11
N VAL A 59 15.90 6.17 -2.57
CA VAL A 59 15.76 7.53 -3.09
C VAL A 59 17.02 8.38 -3.04
N TYR A 60 17.31 9.03 -4.16
CA TYR A 60 18.46 9.90 -4.26
C TYR A 60 18.02 11.36 -4.35
N ASP A 61 17.20 11.68 -5.35
CA ASP A 61 16.75 13.06 -5.56
C ASP A 61 15.24 13.17 -5.79
N LEU A 62 14.55 13.75 -4.81
CA LEU A 62 13.10 13.93 -4.87
C LEU A 62 12.62 14.85 -5.99
N TYR A 63 13.52 15.71 -6.48
CA TYR A 63 13.17 16.65 -7.55
C TYR A 63 13.48 16.18 -8.95
N ASP A 64 14.02 14.97 -9.06
CA ASP A 64 14.39 14.42 -10.35
C ASP A 64 13.39 13.31 -10.71
N LEU A 65 12.35 13.69 -11.44
CA LEU A 65 11.33 12.72 -11.84
C LEU A 65 11.70 12.07 -13.18
N GLY A 66 12.97 11.71 -13.34
CA GLY A 66 13.42 11.12 -14.59
C GLY A 66 13.55 12.26 -15.60
N GLU A 67 14.23 13.32 -15.17
CA GLU A 67 14.39 14.52 -15.99
C GLU A 67 15.84 14.97 -16.16
N PHE A 68 16.69 14.64 -15.20
CA PHE A 68 18.08 15.07 -15.24
C PHE A 68 19.01 13.87 -15.35
N ASN A 69 20.17 14.09 -15.94
CA ASN A 69 21.16 13.02 -16.10
C ASN A 69 21.93 12.86 -14.81
N GLN A 70 21.45 11.98 -13.94
CA GLN A 70 22.06 11.71 -12.65
C GLN A 70 21.94 10.22 -12.36
N LYS A 71 22.95 9.66 -11.70
CA LYS A 71 22.94 8.25 -11.33
C LYS A 71 22.97 7.30 -12.52
N GLY A 72 23.67 7.70 -13.58
CA GLY A 72 23.81 6.86 -14.75
C GLY A 72 22.76 6.99 -15.83
N ALA A 73 21.70 7.77 -15.60
CA ALA A 73 20.66 7.91 -16.61
C ALA A 73 19.77 9.12 -16.36
N VAL A 74 18.94 9.41 -17.35
CA VAL A 74 17.99 10.50 -17.25
C VAL A 74 16.69 9.93 -16.69
N ARG A 75 16.20 8.86 -17.31
CA ARG A 75 14.96 8.23 -16.88
C ARG A 75 15.10 7.40 -15.62
N THR A 76 13.97 7.18 -14.93
CA THR A 76 13.96 6.33 -13.75
C THR A 76 13.67 4.93 -14.35
N LYS A 77 13.53 3.91 -13.53
CA LYS A 77 13.23 2.57 -14.02
C LYS A 77 11.90 2.57 -14.77
N TYR A 78 11.04 3.52 -14.41
CA TYR A 78 9.69 3.62 -14.96
C TYR A 78 9.48 4.50 -16.20
N GLY A 79 10.38 5.44 -16.43
CA GLY A 79 10.24 6.30 -17.59
C GLY A 79 10.72 7.71 -17.29
N THR A 80 10.37 8.64 -18.18
CA THR A 80 10.78 10.03 -18.05
C THR A 80 9.70 10.89 -17.39
N LYS A 81 10.07 12.14 -17.12
CA LYS A 81 9.18 13.12 -16.51
C LYS A 81 7.95 13.37 -17.40
N ALA A 82 8.18 13.61 -18.68
CA ALA A 82 7.08 13.84 -19.62
C ALA A 82 6.13 12.66 -19.70
N GLN A 83 6.68 11.44 -19.62
CA GLN A 83 5.86 10.24 -19.66
C GLN A 83 5.01 10.10 -18.40
N TYR A 84 5.58 10.47 -17.26
CA TYR A 84 4.87 10.40 -15.97
C TYR A 84 3.66 11.33 -16.00
N LEU A 85 3.86 12.55 -16.49
CA LEU A 85 2.79 13.53 -16.59
C LEU A 85 1.68 13.07 -17.55
N GLN A 86 2.07 12.40 -18.64
CA GLN A 86 1.09 11.90 -19.58
C GLN A 86 0.26 10.79 -18.95
N ALA A 87 0.90 9.99 -18.09
CA ALA A 87 0.23 8.91 -17.39
C ALA A 87 -0.83 9.50 -16.46
N ILE A 88 -0.47 10.56 -15.76
CA ILE A 88 -1.40 11.25 -14.86
C ILE A 88 -2.57 11.84 -15.65
N GLN A 89 -2.28 12.37 -16.84
CA GLN A 89 -3.31 12.95 -17.70
C GLN A 89 -4.33 11.89 -18.15
N ALA A 90 -3.82 10.74 -18.57
CA ALA A 90 -4.66 9.63 -19.00
C ALA A 90 -5.53 9.11 -17.86
N ALA A 91 -4.94 8.95 -16.67
CA ALA A 91 -5.69 8.47 -15.52
C ALA A 91 -6.84 9.43 -15.21
N HIS A 92 -6.54 10.72 -15.15
CA HIS A 92 -7.57 11.72 -14.86
C HIS A 92 -8.65 11.74 -15.93
N ALA A 93 -8.24 11.66 -17.20
CA ALA A 93 -9.21 11.65 -18.30
C ALA A 93 -10.16 10.45 -18.17
N ALA A 94 -9.66 9.35 -17.61
CA ALA A 94 -10.48 8.14 -17.43
C ALA A 94 -11.27 8.18 -16.11
N GLY A 95 -11.13 9.28 -15.36
CA GLY A 95 -11.85 9.41 -14.11
C GLY A 95 -11.22 8.77 -12.89
N MET A 96 -9.92 8.50 -12.95
CA MET A 96 -9.23 7.89 -11.83
C MET A 96 -8.31 8.86 -11.10
N GLN A 97 -8.05 8.55 -9.84
CA GLN A 97 -7.15 9.36 -9.02
C GLN A 97 -5.79 8.68 -8.99
N VAL A 98 -4.75 9.47 -8.76
CA VAL A 98 -3.39 8.94 -8.72
C VAL A 98 -2.75 9.23 -7.37
N TYR A 99 -2.25 8.19 -6.72
CA TYR A 99 -1.57 8.34 -5.44
C TYR A 99 -0.09 8.13 -5.71
N ALA A 100 0.75 8.99 -5.12
CA ALA A 100 2.18 8.91 -5.33
C ALA A 100 2.88 8.34 -4.10
N ASP A 101 3.87 7.48 -4.35
CA ASP A 101 4.64 6.87 -3.27
C ASP A 101 5.63 7.91 -2.74
N VAL A 102 5.64 8.08 -1.41
CA VAL A 102 6.50 9.05 -0.73
C VAL A 102 7.51 8.35 0.19
N VAL A 103 8.80 8.50 -0.10
CA VAL A 103 9.88 7.87 0.68
C VAL A 103 10.70 8.95 1.43
N PHE A 104 10.40 9.14 2.71
CA PHE A 104 11.06 10.15 3.55
C PHE A 104 12.00 9.62 4.64
N ASP A 105 12.04 8.30 4.83
CA ASP A 105 12.86 7.73 5.88
C ASP A 105 14.37 7.94 5.76
N HIS A 106 14.88 7.76 4.55
CA HIS A 106 16.31 7.79 4.32
C HIS A 106 16.65 8.35 2.96
N LYS A 107 17.95 8.47 2.69
CA LYS A 107 18.44 9.00 1.43
C LYS A 107 19.71 8.22 1.10
N GLY A 108 19.83 7.77 -0.14
CA GLY A 108 21.00 7.02 -0.55
C GLY A 108 21.58 7.51 -1.86
N GLY A 109 22.74 6.98 -2.23
CA GLY A 109 23.40 7.37 -3.46
C GLY A 109 24.12 8.71 -3.34
N ALA A 110 24.60 9.02 -2.14
CA ALA A 110 25.31 10.28 -1.88
C ALA A 110 26.44 10.50 -2.87
N ASP A 111 26.65 11.75 -3.25
CA ASP A 111 27.69 12.10 -4.20
C ASP A 111 29.09 12.06 -3.60
N GLY A 112 29.19 12.19 -2.28
CA GLY A 112 30.49 12.17 -1.63
C GLY A 112 30.38 11.91 -0.15
N THR A 113 31.54 11.74 0.49
CA THR A 113 31.60 11.48 1.92
C THR A 113 31.98 12.73 2.71
N GLU A 114 31.79 12.64 4.02
CA GLU A 114 32.13 13.71 4.95
C GLU A 114 32.64 13.05 6.21
N TRP A 115 33.62 13.67 6.86
CA TRP A 115 34.14 13.16 8.12
C TRP A 115 33.18 13.62 9.20
N VAL A 116 32.71 12.70 10.02
CA VAL A 116 31.74 13.02 11.07
C VAL A 116 32.04 12.28 12.35
N ASP A 117 31.79 12.92 13.48
CA ASP A 117 31.99 12.29 14.79
C ASP A 117 30.75 11.43 15.03
N ALA A 118 30.94 10.17 15.34
CA ALA A 118 29.83 9.28 15.58
C ALA A 118 30.11 8.31 16.71
N VAL A 119 29.07 7.57 17.10
CA VAL A 119 29.18 6.57 18.16
C VAL A 119 28.39 5.35 17.69
N GLU A 120 28.88 4.16 18.04
CA GLU A 120 28.21 2.91 17.69
C GLU A 120 27.08 2.66 18.67
N VAL A 121 25.97 2.11 18.19
CA VAL A 121 24.85 1.78 19.07
C VAL A 121 24.49 0.32 18.86
N ASN A 122 23.89 -0.29 19.88
CA ASN A 122 23.51 -1.70 19.83
C ASN A 122 22.41 -1.95 18.79
N PRO A 123 22.69 -2.79 17.78
CA PRO A 123 21.70 -3.11 16.73
C PRO A 123 20.36 -3.59 17.29
N SER A 124 20.40 -4.25 18.44
CA SER A 124 19.19 -4.76 19.09
C SER A 124 18.59 -3.77 20.08
N ASP A 125 19.30 -2.68 20.34
CA ASP A 125 18.84 -1.64 21.25
C ASP A 125 19.59 -0.37 20.88
N ARG A 126 19.10 0.30 19.85
CA ARG A 126 19.72 1.53 19.36
C ARG A 126 19.81 2.64 20.41
N ASN A 127 19.20 2.44 21.57
CA ASN A 127 19.27 3.43 22.64
C ASN A 127 20.57 3.28 23.43
N GLN A 128 21.19 2.10 23.33
CA GLN A 128 22.43 1.82 24.05
C GLN A 128 23.68 2.06 23.19
N GLU A 129 24.53 2.99 23.60
CA GLU A 129 25.77 3.26 22.88
C GLU A 129 26.74 2.17 23.30
N ILE A 130 27.49 1.63 22.35
CA ILE A 130 28.43 0.54 22.64
C ILE A 130 29.88 0.83 22.31
N SER A 131 30.22 2.09 22.15
CA SER A 131 31.59 2.47 21.85
C SER A 131 31.75 3.91 22.25
N GLY A 132 32.97 4.42 22.12
CA GLY A 132 33.24 5.80 22.42
C GLY A 132 33.02 6.54 21.11
N THR A 133 33.18 7.85 21.14
CA THR A 133 33.00 8.66 19.95
C THR A 133 34.24 8.60 19.06
N TYR A 134 34.05 8.47 17.75
CA TYR A 134 35.17 8.49 16.83
C TYR A 134 34.75 8.97 15.44
N GLN A 135 35.73 9.42 14.67
CA GLN A 135 35.48 9.95 13.35
C GLN A 135 35.35 8.88 12.29
N ILE A 136 34.27 8.98 11.51
CA ILE A 136 34.02 8.05 10.42
C ILE A 136 33.88 8.87 9.14
N GLN A 137 33.95 8.19 8.00
CA GLN A 137 33.80 8.80 6.70
C GLN A 137 32.43 8.32 6.22
N ALA A 138 31.43 9.19 6.31
CA ALA A 138 30.07 8.84 5.93
C ALA A 138 29.60 9.40 4.59
N TRP A 139 28.74 8.65 3.91
CA TRP A 139 28.18 9.05 2.62
C TRP A 139 26.96 9.94 2.88
N THR A 140 27.22 11.23 3.07
CA THR A 140 26.16 12.19 3.39
C THR A 140 26.11 13.46 2.56
N LYS A 141 27.02 13.59 1.59
CA LYS A 141 27.06 14.78 0.75
C LYS A 141 26.21 14.63 -0.49
N PHE A 142 25.14 15.41 -0.58
CA PHE A 142 24.23 15.37 -1.74
C PHE A 142 24.24 16.74 -2.43
N ASP A 143 24.81 16.79 -3.64
CA ASP A 143 24.88 18.04 -4.41
C ASP A 143 24.03 18.09 -5.67
N PHE A 144 23.59 16.93 -6.16
CA PHE A 144 22.75 16.84 -7.36
C PHE A 144 23.39 17.52 -8.58
N PRO A 145 24.55 17.00 -9.02
CA PRO A 145 25.28 17.55 -10.16
C PRO A 145 24.51 17.63 -11.48
N GLY A 146 23.57 16.70 -11.68
CA GLY A 146 22.81 16.73 -12.91
C GLY A 146 21.70 17.77 -12.92
N ARG A 147 21.17 18.07 -11.74
CA ARG A 147 20.08 19.05 -11.62
C ARG A 147 20.53 20.47 -11.32
N GLY A 148 21.56 20.61 -10.49
CA GLY A 148 22.03 21.93 -10.12
C GLY A 148 21.01 22.55 -9.19
N ASN A 149 20.67 23.81 -9.40
CA ASN A 149 19.69 24.49 -8.55
C ASN A 149 18.26 24.54 -9.09
N THR A 150 17.98 23.80 -10.16
CA THR A 150 16.63 23.81 -10.72
C THR A 150 15.63 23.27 -9.68
N TYR A 151 14.57 24.02 -9.46
CA TYR A 151 13.50 23.68 -8.50
C TYR A 151 13.86 23.92 -7.04
N SER A 152 15.09 23.56 -6.65
CA SER A 152 15.52 23.72 -5.27
C SER A 152 17.03 23.79 -5.19
N SER A 153 17.55 24.73 -4.40
CA SER A 153 18.99 24.87 -4.24
C SER A 153 19.51 24.15 -3.00
N PHE A 154 18.61 23.50 -2.27
CA PHE A 154 18.97 22.78 -1.05
C PHE A 154 19.99 21.66 -1.27
N LYS A 155 21.05 21.66 -0.47
CA LYS A 155 22.10 20.65 -0.54
C LYS A 155 22.06 19.90 0.79
N TRP A 156 22.12 18.58 0.74
CA TRP A 156 22.07 17.80 1.97
C TRP A 156 23.48 17.53 2.48
N ARG A 157 23.65 17.55 3.80
CA ARG A 157 24.94 17.32 4.45
C ARG A 157 24.72 16.42 5.66
N TRP A 158 25.81 16.04 6.34
CA TRP A 158 25.72 15.14 7.49
C TRP A 158 24.74 15.54 8.61
N TYR A 159 24.66 16.83 8.93
CA TYR A 159 23.79 17.26 10.02
C TYR A 159 22.28 17.19 9.74
N HIS A 160 21.91 16.82 8.52
CA HIS A 160 20.49 16.67 8.19
C HIS A 160 20.06 15.23 8.48
N PHE A 161 21.03 14.40 8.87
CA PHE A 161 20.79 12.99 9.13
C PHE A 161 21.13 12.63 10.58
N ASP A 162 20.56 11.52 11.06
CA ASP A 162 20.81 11.05 12.42
C ASP A 162 21.93 10.01 12.50
N GLY A 163 22.13 9.28 11.42
CA GLY A 163 23.16 8.26 11.39
C GLY A 163 23.21 7.52 10.07
N VAL A 164 24.15 6.59 9.98
CA VAL A 164 24.38 5.76 8.78
C VAL A 164 24.81 4.39 9.28
N ASP A 165 25.01 3.44 8.37
CA ASP A 165 25.43 2.10 8.77
C ASP A 165 26.72 1.61 8.11
N TRP A 166 27.55 2.55 7.68
CA TRP A 166 28.80 2.20 7.01
C TRP A 166 29.84 3.28 7.16
N ASP A 167 31.04 2.87 7.56
CA ASP A 167 32.17 3.77 7.68
C ASP A 167 33.04 3.48 6.48
N GLU A 168 33.11 4.42 5.55
CA GLU A 168 33.91 4.25 4.35
C GLU A 168 35.40 4.21 4.64
N SER A 169 35.86 4.77 5.77
CA SER A 169 37.29 4.76 6.06
C SER A 169 37.80 3.38 6.47
N ARG A 170 37.11 2.75 7.42
CA ARG A 170 37.51 1.43 7.89
C ARG A 170 36.76 0.29 7.19
N LYS A 171 35.78 0.67 6.35
CA LYS A 171 34.97 -0.30 5.61
C LYS A 171 34.23 -1.21 6.60
N LEU A 172 33.56 -0.59 7.58
CA LEU A 172 32.83 -1.30 8.62
C LEU A 172 31.31 -1.07 8.66
N SER A 173 30.58 -2.14 8.94
CA SER A 173 29.12 -2.08 9.08
C SER A 173 28.79 -1.99 10.57
N ARG A 174 28.24 -0.86 10.99
CA ARG A 174 27.86 -0.64 12.37
C ARG A 174 26.70 0.34 12.29
N ILE A 175 25.87 0.42 13.32
CA ILE A 175 24.81 1.40 13.30
C ILE A 175 25.44 2.61 13.99
N TYR A 176 25.81 3.61 13.21
CA TYR A 176 26.45 4.82 13.72
C TYR A 176 25.48 5.97 13.96
N LYS A 177 25.48 6.50 15.17
CA LYS A 177 24.64 7.66 15.51
C LYS A 177 25.58 8.87 15.53
N PHE A 178 25.18 9.93 14.83
CA PHE A 178 25.98 11.15 14.77
C PHE A 178 25.96 11.98 16.06
N ARG A 179 27.07 12.66 16.33
CA ARG A 179 27.19 13.51 17.51
C ARG A 179 26.91 14.95 17.07
N GLY A 180 26.46 15.79 18.00
CA GLY A 180 26.19 17.18 17.65
C GLY A 180 25.10 17.75 18.51
N ILE A 181 25.00 19.07 18.52
CA ILE A 181 23.99 19.72 19.33
C ILE A 181 22.58 19.31 18.86
N GLY A 182 21.85 18.64 19.73
CA GLY A 182 20.51 18.20 19.41
C GLY A 182 20.43 16.89 18.63
N LYS A 183 21.54 16.19 18.49
CA LYS A 183 21.57 14.93 17.76
C LYS A 183 21.13 13.73 18.61
N ALA A 184 20.17 12.99 18.09
CA ALA A 184 19.61 11.82 18.76
C ALA A 184 18.60 11.15 17.84
N TRP A 185 18.29 9.88 18.09
CA TRP A 185 17.30 9.18 17.28
C TRP A 185 15.97 9.91 17.53
N ASP A 186 15.12 9.95 16.50
CA ASP A 186 13.83 10.62 16.60
C ASP A 186 12.87 9.81 17.45
N TRP A 187 11.87 10.49 17.98
CA TRP A 187 10.84 9.89 18.82
C TRP A 187 9.55 10.72 18.68
N GLU A 188 8.42 10.08 18.44
CA GLU A 188 8.20 8.66 18.74
C GLU A 188 8.31 7.84 17.46
N VAL A 189 8.84 6.63 17.58
CA VAL A 189 8.98 5.70 16.47
C VAL A 189 8.67 4.31 17.02
N ASP A 190 8.74 3.29 16.18
CA ASP A 190 8.47 1.93 16.62
C ASP A 190 9.54 1.51 17.65
N THR A 191 9.11 0.80 18.69
CA THR A 191 10.03 0.38 19.75
C THR A 191 10.82 -0.90 19.53
N GLU A 192 10.62 -1.57 18.40
CA GLU A 192 11.38 -2.78 18.16
C GLU A 192 12.83 -2.32 18.05
N ASN A 193 13.74 -3.08 18.66
CA ASN A 193 15.16 -2.75 18.66
C ASN A 193 15.41 -1.51 19.52
N GLY A 194 14.55 -1.31 20.53
CA GLY A 194 14.68 -0.17 21.43
C GLY A 194 14.11 1.09 20.81
N ASN A 195 14.66 1.45 19.66
CA ASN A 195 14.23 2.62 18.90
C ASN A 195 14.53 2.23 17.44
N TYR A 196 13.46 2.10 16.66
CA TYR A 196 13.60 1.68 15.26
C TYR A 196 13.63 2.84 14.26
N ASP A 197 14.23 3.95 14.67
CA ASP A 197 14.33 5.09 13.77
C ASP A 197 15.23 4.72 12.59
N TYR A 198 16.41 4.19 12.87
CA TYR A 198 17.34 3.82 11.81
C TYR A 198 16.95 2.56 11.06
N LEU A 199 16.96 2.63 9.74
CA LEU A 199 16.63 1.49 8.90
C LEU A 199 17.73 1.19 7.90
N MET A 200 18.05 2.14 7.01
CA MET A 200 19.08 1.94 5.99
C MET A 200 19.58 3.26 5.40
N TYR A 201 20.71 3.19 4.69
CA TYR A 201 21.34 4.37 4.07
C TYR A 201 21.55 5.49 5.09
N ALA A 202 21.32 6.74 4.69
CA ALA A 202 21.45 7.89 5.58
C ALA A 202 20.07 8.19 6.16
N ASP A 203 19.94 8.05 7.48
CA ASP A 203 18.68 8.28 8.15
C ASP A 203 18.32 9.76 8.33
N LEU A 204 17.14 10.17 7.82
CA LEU A 204 16.72 11.56 7.95
C LEU A 204 16.39 11.98 9.39
N ASP A 205 16.87 13.16 9.76
CA ASP A 205 16.64 13.72 11.08
C ASP A 205 15.38 14.61 11.02
N MET A 206 14.24 14.02 11.39
CA MET A 206 12.97 14.73 11.36
C MET A 206 12.85 15.83 12.41
N ASP A 207 13.84 15.95 13.27
CA ASP A 207 13.84 17.00 14.28
C ASP A 207 14.60 18.22 13.80
N HIS A 208 15.26 18.11 12.65
CA HIS A 208 16.02 19.22 12.10
C HIS A 208 15.03 20.13 11.36
N PRO A 209 14.92 21.41 11.79
CA PRO A 209 14.02 22.41 11.20
C PRO A 209 14.12 22.53 9.67
N GLU A 210 15.36 22.60 9.17
CA GLU A 210 15.59 22.74 7.73
C GLU A 210 15.14 21.55 6.91
N VAL A 211 15.20 20.36 7.50
CA VAL A 211 14.77 19.16 6.81
C VAL A 211 13.24 19.22 6.67
N VAL A 212 12.57 19.53 7.78
CA VAL A 212 11.13 19.65 7.80
C VAL A 212 10.62 20.68 6.79
N THR A 213 11.29 21.85 6.74
CA THR A 213 10.91 22.89 5.80
C THR A 213 11.12 22.46 4.35
N GLU A 214 12.24 21.79 4.09
CA GLU A 214 12.54 21.33 2.74
C GLU A 214 11.54 20.29 2.25
N LEU A 215 11.18 19.35 3.10
CA LEU A 215 10.20 18.32 2.72
C LEU A 215 8.82 18.95 2.51
N LYS A 216 8.49 19.98 3.30
CA LYS A 216 7.22 20.67 3.12
C LYS A 216 7.21 21.39 1.77
N SER A 217 8.34 22.02 1.41
CA SER A 217 8.45 22.72 0.13
C SER A 217 8.33 21.73 -1.03
N TRP A 218 8.99 20.59 -0.90
CA TRP A 218 8.92 19.57 -1.95
C TRP A 218 7.47 19.11 -2.13
N GLY A 219 6.80 18.83 -1.02
CA GLY A 219 5.41 18.38 -1.07
C GLY A 219 4.56 19.29 -1.90
N LYS A 220 4.58 20.59 -1.59
CA LYS A 220 3.81 21.58 -2.32
C LYS A 220 4.21 21.62 -3.79
N TRP A 221 5.51 21.63 -4.05
CA TRP A 221 6.02 21.66 -5.42
C TRP A 221 5.55 20.44 -6.22
N TYR A 222 5.62 19.27 -5.60
CA TYR A 222 5.23 18.03 -6.25
C TYR A 222 3.76 18.03 -6.67
N VAL A 223 2.89 18.40 -5.74
CA VAL A 223 1.45 18.44 -6.02
C VAL A 223 1.11 19.50 -7.08
N ASN A 224 1.75 20.67 -6.99
CA ASN A 224 1.49 21.75 -7.94
C ASN A 224 2.01 21.45 -9.34
N THR A 225 3.02 20.59 -9.42
CA THR A 225 3.60 20.21 -10.70
C THR A 225 2.84 19.05 -11.37
N THR A 226 2.62 17.98 -10.62
CA THR A 226 1.96 16.77 -11.12
C THR A 226 0.43 16.73 -11.04
N ASN A 227 -0.12 17.38 -10.03
CA ASN A 227 -1.55 17.42 -9.80
C ASN A 227 -2.04 16.03 -9.35
N ILE A 228 -1.20 15.35 -8.57
CA ILE A 228 -1.56 14.03 -8.04
C ILE A 228 -2.67 14.25 -7.03
N ASP A 229 -3.37 13.16 -6.68
CA ASP A 229 -4.50 13.21 -5.77
C ASP A 229 -4.34 12.65 -4.36
N GLY A 230 -3.20 12.04 -4.07
CA GLY A 230 -3.00 11.49 -2.74
C GLY A 230 -1.62 10.89 -2.58
N PHE A 231 -1.35 10.32 -1.41
CA PHE A 231 -0.03 9.76 -1.14
C PHE A 231 -0.07 8.37 -0.54
N ARG A 232 1.01 7.61 -0.77
CA ARG A 232 1.19 6.30 -0.15
C ARG A 232 2.50 6.55 0.59
N LEU A 233 2.45 6.47 1.92
CA LEU A 233 3.65 6.74 2.73
C LEU A 233 4.45 5.49 3.09
N ASP A 234 5.71 5.52 2.69
CA ASP A 234 6.63 4.42 2.92
C ASP A 234 7.24 4.42 4.32
N ALA A 235 7.40 3.21 4.87
CA ALA A 235 8.03 2.95 6.16
C ALA A 235 7.72 3.91 7.30
N VAL A 236 6.45 4.20 7.52
CA VAL A 236 6.06 5.14 8.56
C VAL A 236 6.44 4.78 10.00
N LYS A 237 6.67 3.51 10.29
CA LYS A 237 7.03 3.13 11.65
C LYS A 237 8.47 3.54 12.02
N HIS A 238 9.26 3.92 11.01
CA HIS A 238 10.64 4.35 11.22
C HIS A 238 10.75 5.87 11.12
N ILE A 239 9.61 6.55 11.07
CA ILE A 239 9.59 8.00 10.95
C ILE A 239 8.82 8.60 12.13
N LYS A 240 9.41 9.64 12.74
CA LYS A 240 8.80 10.33 13.88
C LYS A 240 7.29 10.51 13.66
N PHE A 241 6.50 9.83 14.48
CA PHE A 241 5.04 9.87 14.36
C PHE A 241 4.38 11.24 14.17
N SER A 242 4.80 12.24 14.95
CA SER A 242 4.20 13.58 14.83
C SER A 242 4.57 14.37 13.58
N PHE A 243 5.53 13.88 12.80
CA PHE A 243 5.92 14.59 11.58
C PHE A 243 4.83 14.60 10.50
N PHE A 244 4.19 13.46 10.27
CA PHE A 244 3.19 13.38 9.22
C PHE A 244 1.92 14.21 9.33
N PRO A 245 1.29 14.28 10.53
CA PRO A 245 0.08 15.10 10.62
C PRO A 245 0.43 16.56 10.27
N ASP A 246 1.63 16.97 10.66
CA ASP A 246 2.14 18.32 10.41
C ASP A 246 2.36 18.52 8.91
N TRP A 247 3.15 17.64 8.30
CA TRP A 247 3.44 17.71 6.87
C TRP A 247 2.17 17.67 6.02
N LEU A 248 1.29 16.72 6.32
CA LEU A 248 0.03 16.56 5.60
C LEU A 248 -0.86 17.79 5.67
N SER A 249 -1.07 18.34 6.87
CA SER A 249 -1.92 19.51 7.00
C SER A 249 -1.36 20.69 6.20
N TYR A 250 -0.05 20.81 6.15
CA TYR A 250 0.58 21.88 5.40
C TYR A 250 0.29 21.74 3.90
N VAL A 251 0.66 20.59 3.35
CA VAL A 251 0.46 20.32 1.93
C VAL A 251 -1.02 20.44 1.54
N ARG A 252 -1.91 19.89 2.34
CA ARG A 252 -3.34 19.96 2.06
C ARG A 252 -3.86 21.41 2.03
N SER A 253 -3.49 22.21 3.03
CA SER A 253 -3.93 23.59 3.09
C SER A 253 -3.34 24.45 1.98
N GLN A 254 -2.04 24.29 1.72
CA GLN A 254 -1.36 25.05 0.68
C GLN A 254 -1.85 24.74 -0.74
N THR A 255 -2.24 23.50 -0.99
CA THR A 255 -2.70 23.11 -2.32
C THR A 255 -4.22 23.16 -2.47
N GLY A 256 -4.94 23.02 -1.36
CA GLY A 256 -6.38 23.05 -1.41
C GLY A 256 -7.00 21.72 -1.85
N LYS A 257 -6.18 20.66 -1.89
CA LYS A 257 -6.66 19.35 -2.28
C LYS A 257 -6.82 18.49 -1.04
N PRO A 258 -7.85 17.62 -0.99
CA PRO A 258 -8.04 16.76 0.19
C PRO A 258 -6.88 15.79 0.42
N LEU A 259 -6.26 15.32 -0.65
CA LEU A 259 -5.11 14.43 -0.59
C LEU A 259 -5.22 13.20 0.31
N PHE A 260 -5.99 12.21 -0.13
CA PHE A 260 -6.14 10.96 0.62
C PHE A 260 -4.75 10.36 0.85
N THR A 261 -4.52 9.87 2.06
CA THR A 261 -3.21 9.29 2.39
C THR A 261 -3.31 7.97 3.12
N VAL A 262 -2.49 7.01 2.70
CA VAL A 262 -2.44 5.70 3.34
C VAL A 262 -0.98 5.47 3.70
N GLY A 263 -0.72 5.09 4.93
CA GLY A 263 0.65 4.83 5.34
C GLY A 263 0.92 3.35 5.52
N GLU A 264 2.19 2.97 5.38
CA GLU A 264 2.60 1.59 5.56
C GLU A 264 3.29 1.42 6.92
N TYR A 265 2.55 0.90 7.88
CA TYR A 265 3.11 0.63 9.21
C TYR A 265 3.12 -0.88 9.24
N TRP A 266 4.25 -1.49 8.90
CA TRP A 266 4.30 -2.95 8.87
C TRP A 266 4.39 -3.62 10.23
N SER A 267 3.27 -4.20 10.65
CA SER A 267 3.19 -4.90 11.92
C SER A 267 1.95 -5.76 11.93
N TYR A 268 2.05 -6.93 12.54
CA TYR A 268 0.93 -7.84 12.66
C TYR A 268 0.27 -7.64 14.02
N ASP A 269 0.78 -6.66 14.78
CA ASP A 269 0.25 -6.35 16.09
C ASP A 269 -0.75 -5.21 15.94
N ILE A 270 -2.04 -5.52 16.08
CA ILE A 270 -3.10 -4.52 15.96
C ILE A 270 -2.99 -3.39 16.99
N ASN A 271 -2.29 -3.64 18.09
CA ASN A 271 -2.14 -2.61 19.11
C ASN A 271 -1.21 -1.49 18.64
N LYS A 272 -0.11 -1.84 17.98
CA LYS A 272 0.81 -0.85 17.47
C LYS A 272 0.13 0.02 16.41
N LEU A 273 -0.75 -0.60 15.63
CA LEU A 273 -1.48 0.12 14.61
C LEU A 273 -2.48 1.08 15.25
N HIS A 274 -3.13 0.64 16.33
CA HIS A 274 -4.08 1.49 17.06
C HIS A 274 -3.33 2.71 17.60
N ASN A 275 -2.19 2.46 18.24
CA ASN A 275 -1.36 3.52 18.81
C ASN A 275 -1.01 4.56 17.74
N TYR A 276 -0.57 4.10 16.57
CA TYR A 276 -0.19 5.00 15.50
C TYR A 276 -1.35 5.87 15.03
N ILE A 277 -2.51 5.26 14.84
CA ILE A 277 -3.70 6.00 14.41
C ILE A 277 -4.06 7.05 15.45
N MET A 278 -3.96 6.66 16.72
CA MET A 278 -4.26 7.56 17.83
C MET A 278 -3.25 8.72 17.86
N LYS A 279 -1.98 8.39 17.67
CA LYS A 279 -0.91 9.39 17.68
C LYS A 279 -0.94 10.34 16.48
N THR A 280 -1.58 9.92 15.38
CA THR A 280 -1.66 10.76 14.20
C THR A 280 -3.05 11.39 13.98
N ASN A 281 -3.93 11.23 14.96
CA ASN A 281 -5.28 11.79 14.91
C ASN A 281 -6.10 11.39 13.68
N GLY A 282 -6.00 10.14 13.27
CA GLY A 282 -6.76 9.65 12.13
C GLY A 282 -6.58 10.46 10.85
N THR A 283 -5.41 11.07 10.69
CA THR A 283 -5.13 11.90 9.53
C THR A 283 -4.82 11.07 8.28
N MET A 284 -4.64 9.77 8.43
CA MET A 284 -4.33 8.89 7.31
C MET A 284 -4.78 7.47 7.58
N SER A 285 -5.05 6.73 6.52
CA SER A 285 -5.45 5.33 6.62
C SER A 285 -4.16 4.52 6.71
N LEU A 286 -4.28 3.23 7.02
CA LEU A 286 -3.13 2.34 7.10
C LEU A 286 -3.45 1.03 6.39
N PHE A 287 -2.43 0.39 5.84
CA PHE A 287 -2.61 -0.90 5.17
C PHE A 287 -2.89 -1.93 6.26
N ASP A 288 -3.84 -2.83 6.02
CA ASP A 288 -4.20 -3.85 7.00
C ASP A 288 -3.25 -5.06 6.94
N ALA A 289 -2.04 -4.90 7.47
CA ALA A 289 -1.06 -5.99 7.49
C ALA A 289 -1.57 -7.24 8.23
N PRO A 290 -2.24 -7.07 9.39
CA PRO A 290 -2.74 -8.24 10.12
C PRO A 290 -3.66 -9.13 9.27
N LEU A 291 -4.49 -8.52 8.44
CA LEU A 291 -5.41 -9.27 7.58
C LEU A 291 -4.61 -10.05 6.54
N HIS A 292 -3.50 -9.48 6.07
CA HIS A 292 -2.67 -10.18 5.10
C HIS A 292 -2.15 -11.48 5.72
N ASN A 293 -1.72 -11.38 6.97
CA ASN A 293 -1.20 -12.54 7.69
C ASN A 293 -2.29 -13.60 7.84
N LYS A 294 -3.53 -13.17 8.10
CA LYS A 294 -4.65 -14.09 8.22
C LYS A 294 -4.83 -14.88 6.92
N PHE A 295 -4.93 -14.15 5.81
CA PHE A 295 -5.09 -14.72 4.47
C PHE A 295 -3.99 -15.74 4.20
N TYR A 296 -2.77 -15.34 4.51
CA TYR A 296 -1.60 -16.18 4.31
C TYR A 296 -1.69 -17.45 5.17
N THR A 297 -2.02 -17.29 6.45
CA THR A 297 -2.12 -18.43 7.36
C THR A 297 -3.19 -19.43 6.88
N ALA A 298 -4.35 -18.92 6.50
CA ALA A 298 -5.43 -19.76 6.02
C ALA A 298 -5.07 -20.53 4.75
N SER A 299 -4.33 -19.89 3.85
CA SER A 299 -3.95 -20.52 2.59
C SER A 299 -2.98 -21.70 2.76
N LYS A 300 -2.27 -21.72 3.87
CA LYS A 300 -1.30 -22.78 4.13
C LYS A 300 -1.82 -23.80 5.13
N SER A 301 -3.03 -23.61 5.64
CA SER A 301 -3.59 -24.54 6.61
C SER A 301 -4.35 -25.74 6.07
N GLY A 302 -4.41 -25.86 4.76
CA GLY A 302 -5.11 -26.98 4.13
C GLY A 302 -6.54 -27.22 4.57
N GLY A 303 -7.24 -26.16 4.97
CA GLY A 303 -8.61 -26.32 5.41
C GLY A 303 -8.86 -26.33 6.90
N THR A 304 -7.81 -26.52 7.69
CA THR A 304 -7.97 -26.58 9.15
C THR A 304 -8.17 -25.22 9.83
N PHE A 305 -7.85 -24.15 9.11
CA PHE A 305 -8.01 -22.80 9.64
C PHE A 305 -9.48 -22.55 10.00
N ASP A 306 -9.74 -21.95 11.14
CA ASP A 306 -11.11 -21.66 11.57
C ASP A 306 -11.54 -20.32 10.94
N MET A 307 -12.31 -20.39 9.86
CA MET A 307 -12.77 -19.20 9.16
C MET A 307 -13.53 -18.19 10.01
N ARG A 308 -14.10 -18.65 11.12
CA ARG A 308 -14.83 -17.76 12.03
C ARG A 308 -13.92 -16.71 12.66
N THR A 309 -12.61 -16.94 12.61
CA THR A 309 -11.63 -16.03 13.20
C THR A 309 -10.92 -15.12 12.20
N LEU A 310 -11.33 -15.18 10.93
CA LEU A 310 -10.70 -14.40 9.87
C LEU A 310 -10.52 -12.89 10.12
N MET A 311 -11.53 -12.24 10.70
CA MET A 311 -11.46 -10.80 10.94
C MET A 311 -10.94 -10.38 12.31
N THR A 312 -10.92 -11.30 13.25
CA THR A 312 -10.46 -11.00 14.60
C THR A 312 -9.08 -10.33 14.65
N ASN A 313 -9.05 -9.18 15.31
CA ASN A 313 -7.83 -8.39 15.48
C ASN A 313 -7.20 -7.87 14.19
N THR A 314 -8.03 -7.36 13.29
CA THR A 314 -7.55 -6.77 12.05
C THR A 314 -8.06 -5.33 12.03
N LEU A 315 -7.46 -4.48 11.19
CA LEU A 315 -7.89 -3.10 11.07
C LEU A 315 -9.25 -3.03 10.41
N MET A 316 -9.48 -3.95 9.47
CA MET A 316 -10.74 -4.02 8.74
C MET A 316 -11.90 -4.13 9.75
N LYS A 317 -11.65 -4.85 10.83
CA LYS A 317 -12.63 -5.04 11.89
C LYS A 317 -12.67 -3.84 12.86
N ASP A 318 -11.51 -3.49 13.40
CA ASP A 318 -11.39 -2.40 14.38
C ASP A 318 -11.61 -0.96 13.90
N GLN A 319 -11.06 -0.63 12.73
CA GLN A 319 -11.16 0.71 12.15
C GLN A 319 -11.49 0.58 10.67
N PRO A 320 -12.70 0.09 10.33
CA PRO A 320 -13.07 -0.07 8.94
C PRO A 320 -12.89 1.14 8.03
N THR A 321 -13.05 2.34 8.56
CA THR A 321 -12.93 3.54 7.73
C THR A 321 -11.50 4.06 7.55
N LEU A 322 -10.53 3.44 8.23
CA LEU A 322 -9.14 3.86 8.10
C LEU A 322 -8.28 2.67 7.66
N ALA A 323 -8.91 1.64 7.11
CA ALA A 323 -8.18 0.45 6.69
C ALA A 323 -8.15 0.25 5.19
N VAL A 324 -6.94 0.05 4.66
CA VAL A 324 -6.77 -0.23 3.23
C VAL A 324 -6.40 -1.70 3.21
N THR A 325 -7.32 -2.51 2.72
CA THR A 325 -7.16 -3.96 2.69
C THR A 325 -6.47 -4.46 1.42
N PHE A 326 -5.72 -5.53 1.55
CA PHE A 326 -5.00 -6.13 0.42
C PHE A 326 -4.71 -7.59 0.69
N VAL A 327 -4.42 -8.33 -0.39
CA VAL A 327 -4.09 -9.75 -0.30
C VAL A 327 -2.57 -9.93 -0.29
N ASP A 328 -1.88 -9.32 -1.25
CA ASP A 328 -0.41 -9.39 -1.35
C ASP A 328 0.10 -8.07 -1.91
N ASN A 329 1.41 -7.83 -1.81
CA ASN A 329 2.03 -6.62 -2.36
C ASN A 329 3.47 -6.91 -2.75
N HIS A 330 4.19 -5.88 -3.21
CA HIS A 330 5.59 -6.03 -3.64
C HIS A 330 6.57 -6.57 -2.58
N ASP A 331 6.24 -6.40 -1.31
CA ASP A 331 7.09 -6.88 -0.22
C ASP A 331 6.80 -8.32 0.20
N THR A 332 5.57 -8.78 -0.06
CA THR A 332 5.19 -10.15 0.30
C THR A 332 5.47 -11.16 -0.82
N GLU A 333 5.92 -10.65 -1.98
CA GLU A 333 6.24 -11.49 -3.12
C GLU A 333 7.33 -12.49 -2.79
N PRO A 334 7.35 -13.65 -3.48
CA PRO A 334 8.36 -14.68 -3.24
C PRO A 334 9.77 -14.07 -3.37
N GLY A 335 10.66 -14.44 -2.46
CA GLY A 335 12.02 -13.94 -2.52
C GLY A 335 12.22 -12.54 -1.98
N GLN A 336 11.14 -11.86 -1.60
CA GLN A 336 11.26 -10.50 -1.08
C GLN A 336 11.38 -10.41 0.43
N ALA A 337 11.56 -9.18 0.91
CA ALA A 337 11.73 -8.89 2.34
C ALA A 337 10.71 -9.55 3.26
N LEU A 338 9.44 -9.23 3.05
CA LEU A 338 8.37 -9.75 3.88
C LEU A 338 7.62 -10.89 3.19
N GLN A 339 8.32 -11.69 2.39
CA GLN A 339 7.67 -12.77 1.65
C GLN A 339 6.75 -13.63 2.52
N SER A 340 5.49 -13.66 2.11
CA SER A 340 4.44 -14.42 2.78
C SER A 340 3.31 -14.45 1.75
N TRP A 341 3.63 -15.04 0.60
CA TRP A 341 2.75 -15.14 -0.55
C TRP A 341 1.53 -16.03 -0.29
N VAL A 342 0.35 -15.49 -0.51
CA VAL A 342 -0.90 -16.23 -0.32
C VAL A 342 -1.03 -17.23 -1.48
N ASP A 343 -1.21 -18.51 -1.15
CA ASP A 343 -1.34 -19.55 -2.17
C ASP A 343 -2.50 -19.28 -3.12
N PRO A 344 -2.29 -19.53 -4.44
CA PRO A 344 -3.24 -19.33 -5.51
C PRO A 344 -4.66 -19.83 -5.27
N TRP A 345 -4.80 -21.02 -4.69
CA TRP A 345 -6.13 -21.58 -4.42
C TRP A 345 -6.97 -20.66 -3.54
N PHE A 346 -6.34 -20.04 -2.55
CA PHE A 346 -7.04 -19.17 -1.61
C PHE A 346 -7.19 -17.73 -2.11
N LYS A 347 -6.27 -17.28 -2.96
CA LYS A 347 -6.31 -15.92 -3.46
C LYS A 347 -7.67 -15.35 -3.90
N PRO A 348 -8.46 -16.09 -4.71
CA PRO A 348 -9.77 -15.57 -5.14
C PRO A 348 -10.76 -15.39 -3.96
N LEU A 349 -10.63 -16.24 -2.95
CA LEU A 349 -11.50 -16.15 -1.79
C LEU A 349 -11.19 -14.87 -1.01
N ALA A 350 -9.89 -14.59 -0.87
CA ALA A 350 -9.43 -13.39 -0.17
C ALA A 350 -9.92 -12.12 -0.90
N TYR A 351 -9.85 -12.13 -2.22
CA TYR A 351 -10.31 -10.99 -3.01
C TYR A 351 -11.81 -10.80 -2.88
N ALA A 352 -12.56 -11.90 -2.83
CA ALA A 352 -14.01 -11.80 -2.67
C ALA A 352 -14.30 -11.13 -1.33
N PHE A 353 -13.56 -11.55 -0.31
CA PHE A 353 -13.71 -11.01 1.04
C PHE A 353 -13.51 -9.49 1.10
N ILE A 354 -12.40 -8.99 0.57
CA ILE A 354 -12.14 -7.56 0.61
C ILE A 354 -12.90 -6.70 -0.41
N LEU A 355 -13.29 -7.30 -1.54
CA LEU A 355 -14.00 -6.55 -2.58
C LEU A 355 -15.51 -6.44 -2.42
N THR A 356 -16.13 -7.40 -1.75
CA THR A 356 -17.58 -7.35 -1.60
C THR A 356 -18.12 -6.95 -0.22
N ARG A 357 -17.25 -6.87 0.78
CA ARG A 357 -17.67 -6.46 2.11
C ARG A 357 -17.60 -4.94 2.24
N GLN A 358 -18.42 -4.36 3.12
CA GLN A 358 -18.45 -2.91 3.29
C GLN A 358 -17.27 -2.28 4.02
N GLU A 359 -16.59 -3.07 4.84
CA GLU A 359 -15.45 -2.56 5.60
C GLU A 359 -14.20 -2.40 4.75
N GLY A 360 -13.47 -1.31 4.98
CA GLY A 360 -12.23 -1.07 4.28
C GLY A 360 -12.26 -0.57 2.85
N TYR A 361 -11.08 -0.14 2.40
CA TYR A 361 -10.83 0.39 1.06
C TYR A 361 -9.87 -0.65 0.47
N PRO A 362 -10.36 -1.52 -0.43
CA PRO A 362 -9.55 -2.57 -1.05
C PRO A 362 -8.53 -2.12 -2.10
N CYS A 363 -7.39 -2.82 -2.13
CA CYS A 363 -6.31 -2.54 -3.06
C CYS A 363 -5.93 -3.81 -3.81
N VAL A 364 -6.06 -3.77 -5.14
CA VAL A 364 -5.72 -4.91 -5.98
C VAL A 364 -4.24 -4.80 -6.37
N PHE A 365 -3.55 -5.93 -6.28
CA PHE A 365 -2.12 -5.99 -6.59
C PHE A 365 -1.83 -6.28 -8.07
N TYR A 366 -1.00 -5.45 -8.66
CA TYR A 366 -0.56 -5.57 -10.06
C TYR A 366 -0.06 -6.99 -10.35
N GLY A 367 0.76 -7.51 -9.45
CA GLY A 367 1.31 -8.86 -9.62
C GLY A 367 0.24 -9.94 -9.76
N ASP A 368 -0.84 -9.81 -8.99
CA ASP A 368 -1.94 -10.75 -9.04
C ASP A 368 -2.74 -10.59 -10.32
N TYR A 369 -2.94 -9.34 -10.73
CA TYR A 369 -3.72 -9.05 -11.91
C TYR A 369 -3.03 -9.43 -13.22
N TYR A 370 -1.76 -9.05 -13.36
CA TYR A 370 -1.01 -9.33 -14.56
C TYR A 370 -0.06 -10.53 -14.49
N GLY A 371 0.13 -11.08 -13.29
CA GLY A 371 1.01 -12.21 -13.13
C GLY A 371 2.43 -11.76 -12.89
N ILE A 372 3.26 -12.68 -12.41
CA ILE A 372 4.67 -12.41 -12.11
C ILE A 372 5.52 -13.45 -12.85
N PRO A 373 5.96 -13.13 -14.07
CA PRO A 373 6.78 -14.02 -14.90
C PRO A 373 8.01 -14.58 -14.16
N GLN A 374 8.60 -13.74 -13.32
CA GLN A 374 9.79 -14.10 -12.54
C GLN A 374 9.69 -15.46 -11.85
N TYR A 375 8.51 -15.77 -11.32
CA TYR A 375 8.30 -17.03 -10.63
C TYR A 375 7.23 -17.89 -11.30
N ASN A 376 7.01 -17.67 -12.59
CA ASN A 376 6.00 -18.39 -13.36
C ASN A 376 4.63 -18.33 -12.67
N ILE A 377 4.29 -17.17 -12.13
CA ILE A 377 3.02 -16.94 -11.47
C ILE A 377 2.10 -16.36 -12.54
N PRO A 378 1.01 -17.06 -12.88
CA PRO A 378 0.06 -16.62 -13.90
C PRO A 378 -0.85 -15.45 -13.52
N SER A 379 -1.47 -14.88 -14.54
CA SER A 379 -2.39 -13.76 -14.39
C SER A 379 -3.71 -14.31 -13.82
N LEU A 380 -4.26 -13.61 -12.83
CA LEU A 380 -5.52 -14.00 -12.20
C LEU A 380 -6.66 -13.07 -12.63
N LYS A 381 -6.42 -12.31 -13.70
CA LYS A 381 -7.41 -11.38 -14.23
C LYS A 381 -8.78 -12.05 -14.44
N SER A 382 -8.78 -13.29 -14.93
CA SER A 382 -10.04 -14.00 -15.17
C SER A 382 -10.84 -14.26 -13.89
N LYS A 383 -10.12 -14.37 -12.76
CA LYS A 383 -10.75 -14.61 -11.46
C LYS A 383 -11.11 -13.31 -10.75
N ILE A 384 -10.29 -12.28 -10.98
CA ILE A 384 -10.49 -10.98 -10.34
C ILE A 384 -11.56 -10.10 -11.01
N ASP A 385 -11.59 -10.08 -12.34
CA ASP A 385 -12.57 -9.27 -13.07
C ASP A 385 -14.02 -9.45 -12.62
N PRO A 386 -14.49 -10.71 -12.46
CA PRO A 386 -15.88 -10.89 -12.02
C PRO A 386 -16.10 -10.26 -10.63
N LEU A 387 -15.08 -10.30 -9.80
CA LEU A 387 -15.16 -9.74 -8.46
C LEU A 387 -15.19 -8.21 -8.51
N LEU A 388 -14.47 -7.63 -9.48
CA LEU A 388 -14.46 -6.18 -9.66
C LEU A 388 -15.85 -5.73 -10.10
N ILE A 389 -16.49 -6.49 -10.97
CA ILE A 389 -17.83 -6.15 -11.43
C ILE A 389 -18.82 -6.24 -10.25
N ALA A 390 -18.62 -7.23 -9.38
CA ALA A 390 -19.45 -7.41 -8.19
C ALA A 390 -19.41 -6.13 -7.34
N ARG A 391 -18.19 -5.65 -7.06
CA ARG A 391 -18.03 -4.44 -6.26
C ARG A 391 -18.63 -3.21 -6.97
N ARG A 392 -18.35 -3.10 -8.26
CA ARG A 392 -18.82 -1.98 -9.06
C ARG A 392 -20.34 -1.82 -9.17
N ASP A 393 -21.05 -2.91 -9.41
CA ASP A 393 -22.50 -2.86 -9.59
C ASP A 393 -23.38 -3.42 -8.48
N TYR A 394 -22.86 -4.36 -7.70
CA TYR A 394 -23.71 -5.01 -6.69
C TYR A 394 -23.45 -4.85 -5.19
N ALA A 395 -22.19 -4.71 -4.79
CA ALA A 395 -21.86 -4.61 -3.37
C ALA A 395 -22.22 -3.27 -2.73
N TYR A 396 -23.50 -3.07 -2.48
CA TYR A 396 -24.02 -1.83 -1.87
C TYR A 396 -25.08 -2.14 -0.82
N GLY A 397 -25.23 -1.24 0.14
CA GLY A 397 -26.26 -1.41 1.16
C GLY A 397 -25.91 -2.20 2.39
N THR A 398 -26.92 -2.35 3.26
CA THR A 398 -26.81 -3.06 4.53
C THR A 398 -26.21 -4.46 4.38
N GLN A 399 -25.27 -4.76 5.28
CA GLN A 399 -24.58 -6.04 5.25
C GLN A 399 -25.05 -6.96 6.37
N HIS A 400 -25.10 -8.26 6.07
CA HIS A 400 -25.49 -9.28 7.05
C HIS A 400 -24.39 -10.32 7.04
N ASP A 401 -23.77 -10.53 8.20
CA ASP A 401 -22.67 -11.48 8.32
C ASP A 401 -23.02 -12.88 8.76
N TYR A 402 -22.27 -13.84 8.22
CA TYR A 402 -22.47 -15.25 8.55
C TYR A 402 -21.11 -15.93 8.73
N LEU A 403 -20.37 -15.49 9.75
CA LEU A 403 -19.06 -16.06 10.07
C LEU A 403 -19.41 -17.06 11.17
N ASP A 404 -20.11 -18.11 10.79
CA ASP A 404 -20.59 -19.10 11.74
C ASP A 404 -20.28 -20.56 11.44
N HIS A 405 -19.12 -20.81 10.85
CA HIS A 405 -18.72 -22.17 10.51
C HIS A 405 -17.21 -22.14 10.24
N SER A 406 -16.49 -23.17 10.66
CA SER A 406 -15.05 -23.23 10.47
C SER A 406 -14.56 -23.29 9.02
N ASP A 407 -15.48 -23.61 8.11
CA ASP A 407 -15.14 -23.69 6.68
C ASP A 407 -15.90 -22.68 5.83
N ILE A 408 -17.22 -22.82 5.81
CA ILE A 408 -18.10 -21.97 5.00
C ILE A 408 -18.60 -20.73 5.75
N ILE A 409 -18.19 -19.56 5.27
CA ILE A 409 -18.64 -18.29 5.87
C ILE A 409 -19.20 -17.45 4.75
N GLY A 410 -20.12 -16.56 5.08
CA GLY A 410 -20.72 -15.73 4.06
C GLY A 410 -21.22 -14.41 4.59
N TRP A 411 -21.75 -13.59 3.69
CA TRP A 411 -22.30 -12.28 4.03
C TRP A 411 -23.16 -11.84 2.85
N THR A 412 -24.07 -10.90 3.09
CA THR A 412 -24.94 -10.39 2.05
C THR A 412 -24.96 -8.86 2.09
N ARG A 413 -25.35 -8.25 0.98
CA ARG A 413 -25.47 -6.82 0.87
C ARG A 413 -26.87 -6.63 0.28
N GLU A 414 -27.72 -5.88 0.97
CA GLU A 414 -29.10 -5.66 0.52
C GLU A 414 -29.27 -4.82 -0.74
N GLY A 415 -28.26 -4.03 -1.07
CA GLY A 415 -28.37 -3.14 -2.23
C GLY A 415 -28.94 -1.82 -1.75
N VAL A 416 -28.96 -0.82 -2.62
CA VAL A 416 -29.50 0.50 -2.26
C VAL A 416 -30.49 0.96 -3.34
N THR A 417 -31.48 1.74 -2.92
CA THR A 417 -32.51 2.22 -3.83
C THR A 417 -31.97 3.07 -4.99
N GLU A 418 -30.94 3.86 -4.71
CA GLU A 418 -30.34 4.71 -5.73
C GLU A 418 -29.52 3.93 -6.76
N LYS A 419 -29.34 2.63 -6.52
CA LYS A 419 -28.56 1.78 -7.42
C LYS A 419 -29.42 0.56 -7.75
N PRO A 420 -30.40 0.71 -8.66
CA PRO A 420 -31.28 -0.40 -9.04
C PRO A 420 -30.50 -1.62 -9.54
N GLY A 421 -30.92 -2.80 -9.11
CA GLY A 421 -30.26 -4.03 -9.50
C GLY A 421 -29.19 -4.51 -8.52
N SER A 422 -28.82 -3.65 -7.57
CA SER A 422 -27.80 -3.98 -6.58
C SER A 422 -28.32 -4.99 -5.55
N GLY A 423 -27.39 -5.64 -4.88
CA GLY A 423 -27.71 -6.66 -3.90
C GLY A 423 -26.79 -7.82 -4.20
N LEU A 424 -26.39 -8.57 -3.19
CA LEU A 424 -25.44 -9.65 -3.40
C LEU A 424 -25.38 -10.60 -2.20
N ALA A 425 -24.97 -11.83 -2.46
CA ALA A 425 -24.82 -12.84 -1.43
C ALA A 425 -23.55 -13.62 -1.80
N ALA A 426 -22.54 -13.56 -0.93
CA ALA A 426 -21.28 -14.23 -1.19
C ALA A 426 -20.97 -15.34 -0.19
N LEU A 427 -20.30 -16.38 -0.67
CA LEU A 427 -19.90 -17.50 0.17
C LEU A 427 -18.50 -17.92 -0.24
N ILE A 428 -17.66 -18.25 0.75
CA ILE A 428 -16.31 -18.72 0.49
C ILE A 428 -16.05 -19.86 1.48
N THR A 429 -15.25 -20.84 1.09
CA THR A 429 -14.93 -21.95 1.98
C THR A 429 -13.51 -22.42 1.78
N ASP A 430 -12.82 -22.68 2.88
CA ASP A 430 -11.44 -23.17 2.81
C ASP A 430 -11.42 -24.70 2.87
N GLY A 431 -12.58 -25.32 2.77
CA GLY A 431 -12.70 -26.76 2.81
C GLY A 431 -13.81 -27.22 1.88
N PRO A 432 -14.48 -28.35 2.19
CA PRO A 432 -15.56 -28.83 1.33
C PRO A 432 -16.68 -27.80 1.18
N GLY A 433 -17.42 -27.90 0.07
CA GLY A 433 -18.51 -26.99 -0.20
C GLY A 433 -19.77 -27.31 0.58
N GLY A 434 -20.85 -26.61 0.26
CA GLY A 434 -22.11 -26.84 0.94
C GLY A 434 -23.07 -25.71 0.63
N SER A 435 -23.97 -25.44 1.56
CA SER A 435 -24.95 -24.38 1.38
C SER A 435 -25.14 -23.64 2.68
N LYS A 436 -25.81 -22.49 2.62
CA LYS A 436 -26.07 -21.69 3.79
C LYS A 436 -27.23 -20.76 3.50
N TRP A 437 -28.22 -20.75 4.39
CA TRP A 437 -29.36 -19.86 4.23
C TRP A 437 -28.91 -18.48 4.67
N MET A 438 -29.14 -17.48 3.82
CA MET A 438 -28.77 -16.12 4.15
C MET A 438 -29.88 -15.15 3.77
N TYR A 439 -29.98 -14.05 4.52
CA TYR A 439 -30.99 -13.02 4.30
C TYR A 439 -30.47 -11.92 3.38
N VAL A 440 -31.09 -11.76 2.22
CA VAL A 440 -30.68 -10.71 1.28
C VAL A 440 -31.61 -9.51 1.31
N GLY A 441 -32.79 -9.70 1.89
CA GLY A 441 -33.74 -8.60 1.97
C GLY A 441 -35.08 -8.98 1.39
N LYS A 442 -36.13 -8.62 2.12
CA LYS A 442 -37.50 -8.90 1.72
C LYS A 442 -37.79 -8.31 0.34
N GLN A 443 -37.12 -7.20 0.01
CA GLN A 443 -37.31 -6.53 -1.27
C GLN A 443 -36.92 -7.38 -2.49
N HIS A 444 -36.12 -8.43 -2.26
CA HIS A 444 -35.70 -9.30 -3.35
C HIS A 444 -36.52 -10.57 -3.45
N ALA A 445 -37.59 -10.65 -2.65
CA ALA A 445 -38.46 -11.83 -2.64
C ALA A 445 -38.88 -12.23 -4.06
N GLY A 446 -38.73 -13.51 -4.37
CA GLY A 446 -39.11 -14.01 -5.68
C GLY A 446 -38.09 -13.87 -6.79
N LYS A 447 -37.06 -13.07 -6.58
CA LYS A 447 -36.03 -12.89 -7.60
C LYS A 447 -35.08 -14.09 -7.65
N VAL A 448 -34.50 -14.32 -8.82
CA VAL A 448 -33.58 -15.42 -9.01
C VAL A 448 -32.17 -14.86 -9.08
N PHE A 449 -31.25 -15.45 -8.32
CA PHE A 449 -29.85 -15.03 -8.28
C PHE A 449 -29.00 -16.07 -9.01
N TYR A 450 -27.88 -15.62 -9.56
CA TYR A 450 -26.96 -16.51 -10.27
C TYR A 450 -25.54 -16.20 -9.82
N ASP A 451 -24.64 -17.16 -10.02
CA ASP A 451 -23.25 -17.00 -9.62
C ASP A 451 -22.46 -16.19 -10.64
N LEU A 452 -22.19 -14.93 -10.29
CA LEU A 452 -21.44 -14.01 -11.13
C LEU A 452 -20.03 -14.53 -11.45
N THR A 453 -19.44 -15.31 -10.54
CA THR A 453 -18.10 -15.83 -10.78
C THR A 453 -18.08 -16.91 -11.87
N GLY A 454 -19.21 -17.53 -12.13
CA GLY A 454 -19.27 -18.58 -13.14
C GLY A 454 -18.90 -19.96 -12.60
N ASN A 455 -18.49 -20.01 -11.33
CA ASN A 455 -18.11 -21.26 -10.68
C ASN A 455 -19.24 -22.28 -10.54
N ARG A 456 -20.47 -21.80 -10.45
CA ARG A 456 -21.63 -22.68 -10.33
C ARG A 456 -22.66 -22.30 -11.39
N SER A 457 -23.29 -23.31 -11.97
CA SER A 457 -24.28 -23.10 -13.03
C SER A 457 -25.72 -23.06 -12.55
N ASP A 458 -25.95 -23.46 -11.30
CA ASP A 458 -27.31 -23.46 -10.76
C ASP A 458 -27.72 -22.05 -10.30
N THR A 459 -29.01 -21.88 -10.00
CA THR A 459 -29.53 -20.59 -9.54
C THR A 459 -30.24 -20.74 -8.20
N VAL A 460 -30.44 -19.61 -7.52
CA VAL A 460 -31.12 -19.60 -6.23
C VAL A 460 -32.28 -18.61 -6.28
N THR A 461 -33.46 -19.04 -5.83
CA THR A 461 -34.63 -18.16 -5.83
C THR A 461 -34.91 -17.70 -4.40
N ILE A 462 -35.09 -16.39 -4.23
CA ILE A 462 -35.34 -15.83 -2.91
C ILE A 462 -36.79 -16.09 -2.48
N ASN A 463 -36.97 -16.60 -1.26
CA ASN A 463 -38.31 -16.89 -0.77
C ASN A 463 -39.05 -15.62 -0.40
N SER A 464 -40.30 -15.76 0.03
CA SER A 464 -41.11 -14.60 0.39
C SER A 464 -40.57 -13.81 1.58
N ASP A 465 -39.77 -14.46 2.41
CA ASP A 465 -39.19 -13.80 3.59
C ASP A 465 -37.90 -13.03 3.30
N GLY A 466 -37.33 -13.23 2.12
CA GLY A 466 -36.10 -12.54 1.76
C GLY A 466 -34.87 -13.39 2.03
N TRP A 467 -35.07 -14.68 2.23
CA TRP A 467 -33.98 -15.62 2.49
C TRP A 467 -33.76 -16.53 1.29
N GLY A 468 -32.51 -16.95 1.10
CA GLY A 468 -32.18 -17.84 0.01
C GLY A 468 -31.18 -18.87 0.50
N GLU A 469 -31.17 -20.06 -0.08
CA GLU A 469 -30.20 -21.08 0.33
C GLU A 469 -29.11 -21.05 -0.73
N PHE A 470 -28.07 -20.29 -0.45
CA PHE A 470 -26.97 -20.12 -1.38
C PHE A 470 -25.98 -21.27 -1.27
N LYS A 471 -25.27 -21.54 -2.37
CA LYS A 471 -24.32 -22.65 -2.42
C LYS A 471 -22.92 -22.26 -2.87
N VAL A 472 -21.95 -23.12 -2.58
CA VAL A 472 -20.55 -22.92 -2.95
C VAL A 472 -19.84 -24.27 -3.10
N ASN A 473 -18.91 -24.35 -4.05
CA ASN A 473 -18.13 -25.57 -4.28
C ASN A 473 -16.99 -25.61 -3.28
N GLY A 474 -16.38 -26.79 -3.13
CA GLY A 474 -15.27 -26.93 -2.20
C GLY A 474 -14.07 -26.07 -2.56
N GLY A 475 -13.44 -25.48 -1.54
CA GLY A 475 -12.27 -24.63 -1.74
C GLY A 475 -12.50 -23.60 -2.83
N SER A 476 -13.68 -22.99 -2.82
CA SER A 476 -14.05 -22.03 -3.84
C SER A 476 -14.85 -20.84 -3.31
N VAL A 477 -15.35 -20.04 -4.24
CA VAL A 477 -16.14 -18.85 -3.93
C VAL A 477 -17.26 -18.69 -4.95
N SER A 478 -18.42 -18.25 -4.47
CA SER A 478 -19.56 -18.00 -5.33
C SER A 478 -20.17 -16.68 -4.90
N VAL A 479 -20.41 -15.79 -5.86
CA VAL A 479 -20.99 -14.50 -5.60
C VAL A 479 -22.31 -14.44 -6.34
N TRP A 480 -23.40 -14.54 -5.58
CA TRP A 480 -24.74 -14.54 -6.14
C TRP A 480 -25.33 -13.14 -6.25
N VAL A 481 -25.78 -12.80 -7.45
CA VAL A 481 -26.38 -11.50 -7.73
C VAL A 481 -27.71 -11.68 -8.48
N PRO A 482 -28.66 -10.73 -8.31
CA PRO A 482 -29.95 -10.85 -8.99
C PRO A 482 -29.89 -10.73 -10.52
N ARG A 483 -30.69 -11.54 -11.19
CA ARG A 483 -30.75 -11.51 -12.64
C ARG A 483 -31.36 -10.19 -13.11
CA CA B . 17.00 13.18 15.42
CA CA C . 14.01 6.85 10.29
CA CA D . -11.48 -24.42 7.92
NA NA E . 15.83 10.07 12.13
#